data_2JZH
#
_entry.id   2JZH
#
_entity_poly.entity_id   1
_entity_poly.type   'polypeptide(L)'
_entity_poly.pdbx_seq_one_letter_code
;GSMKPMGPNDYMVIGLARIDDRLIHGQVATRWTKETNVSRIIVVSDEVAADTVRKTLLTQVAPPGVTAHVVDVAKMIRVY
NNPKYAGERVMLLFTNPTDVERLVEGGVKITSVNVGGMAFRQGKTQVNNAVSVDEKDIEAFKKLNARGIELEVRKVSTDP
KLKMMDLISKIDK
;
_entity_poly.pdbx_strand_id   A
#
# COMPACT_ATOMS: atom_id res chain seq x y z
N ASN A 9 -9.70 -16.29 -5.03
CA ASN A 9 -8.25 -16.54 -5.27
C ASN A 9 -8.00 -16.60 -6.78
N ASP A 10 -8.87 -17.21 -7.52
CA ASP A 10 -8.67 -17.30 -8.98
C ASP A 10 -9.13 -15.99 -9.61
N TYR A 11 -8.92 -14.91 -8.92
CA TYR A 11 -9.34 -13.58 -9.46
C TYR A 11 -8.11 -12.69 -9.65
N MET A 12 -8.18 -11.47 -9.23
CA MET A 12 -7.03 -10.55 -9.43
C MET A 12 -5.81 -11.03 -8.65
N VAL A 13 -4.63 -10.75 -9.15
CA VAL A 13 -3.40 -11.17 -8.43
C VAL A 13 -2.68 -9.93 -7.90
N ILE A 14 -2.57 -9.82 -6.60
CA ILE A 14 -1.88 -8.64 -6.02
C ILE A 14 -0.38 -8.77 -6.24
N GLY A 15 0.14 -8.03 -7.17
CA GLY A 15 1.61 -8.11 -7.44
C GLY A 15 2.36 -7.51 -6.25
N LEU A 16 1.80 -6.51 -5.64
CA LEU A 16 2.49 -5.91 -4.46
C LEU A 16 1.57 -4.89 -3.77
N ALA A 17 1.70 -4.78 -2.47
CA ALA A 17 0.88 -3.80 -1.70
C ALA A 17 1.81 -2.78 -1.04
N ARG A 18 1.88 -1.58 -1.58
CA ARG A 18 2.81 -0.56 -1.01
C ARG A 18 2.06 0.55 -0.28
N ILE A 19 2.47 0.81 0.94
CA ILE A 19 1.84 1.89 1.74
C ILE A 19 2.67 3.16 1.61
N ASP A 20 2.05 4.25 1.25
CA ASP A 20 2.79 5.52 1.10
C ASP A 20 1.83 6.70 1.08
N ASP A 21 1.90 7.56 2.07
CA ASP A 21 0.98 8.73 2.11
C ASP A 21 1.22 9.63 0.90
N ARG A 22 2.27 9.40 0.15
CA ARG A 22 2.54 10.28 -1.02
C ARG A 22 2.08 9.60 -2.31
N LEU A 23 1.59 8.39 -2.24
CA LEU A 23 1.15 7.69 -3.47
C LEU A 23 2.33 7.57 -4.45
N ILE A 24 2.37 8.42 -5.45
CA ILE A 24 3.48 8.38 -6.43
C ILE A 24 4.48 9.50 -6.11
N HIS A 25 5.73 9.17 -5.91
CA HIS A 25 6.74 10.23 -5.61
C HIS A 25 8.12 9.82 -6.13
N GLY A 26 8.84 10.76 -6.68
CA GLY A 26 10.19 10.43 -7.21
C GLY A 26 10.11 9.29 -8.20
N GLN A 27 11.16 8.54 -8.35
CA GLN A 27 11.16 7.40 -9.30
C GLN A 27 10.72 6.13 -8.55
N VAL A 28 10.22 6.30 -7.37
CA VAL A 28 9.78 5.13 -6.56
C VAL A 28 8.67 4.36 -7.31
N ALA A 29 7.73 5.06 -7.86
CA ALA A 29 6.64 4.38 -8.62
C ALA A 29 7.18 3.88 -9.97
N THR A 30 8.08 4.61 -10.55
CA THR A 30 8.66 4.18 -11.86
C THR A 30 9.49 2.91 -11.68
N ARG A 31 10.43 2.95 -10.78
CA ARG A 31 11.32 1.76 -10.55
C ARG A 31 10.52 0.57 -10.04
N TRP A 32 9.66 0.79 -9.10
CA TRP A 32 8.86 -0.34 -8.55
C TRP A 32 7.91 -0.89 -9.59
N THR A 33 7.42 -0.07 -10.48
CA THR A 33 6.50 -0.58 -11.52
C THR A 33 7.24 -1.54 -12.46
N LYS A 34 8.42 -1.16 -12.89
CA LYS A 34 9.17 -2.06 -13.81
C LYS A 34 9.63 -3.31 -13.07
N GLU A 35 10.12 -3.18 -11.87
CA GLU A 35 10.58 -4.37 -11.12
C GLU A 35 9.37 -5.25 -10.76
N THR A 36 8.29 -4.64 -10.38
CA THR A 36 7.09 -5.44 -10.01
C THR A 36 6.36 -5.89 -11.26
N ASN A 37 6.84 -5.53 -12.42
CA ASN A 37 6.15 -5.95 -13.67
C ASN A 37 4.67 -5.59 -13.56
N VAL A 38 4.39 -4.38 -13.16
CA VAL A 38 2.96 -3.95 -13.00
C VAL A 38 2.57 -3.03 -14.15
N SER A 39 1.43 -3.30 -14.72
CA SER A 39 0.92 -2.44 -15.84
C SER A 39 -0.29 -1.67 -15.33
N ARG A 40 -0.69 -1.95 -14.12
CA ARG A 40 -1.87 -1.26 -13.52
C ARG A 40 -1.61 -0.88 -12.08
N ILE A 41 -2.07 0.28 -11.70
CA ILE A 41 -1.89 0.74 -10.30
C ILE A 41 -3.23 1.28 -9.79
N ILE A 42 -3.70 0.81 -8.68
CA ILE A 42 -5.01 1.31 -8.14
C ILE A 42 -4.78 2.02 -6.81
N VAL A 43 -5.31 3.20 -6.67
CA VAL A 43 -5.13 3.95 -5.39
C VAL A 43 -6.39 3.80 -4.56
N VAL A 44 -6.24 3.42 -3.31
CA VAL A 44 -7.42 3.23 -2.43
C VAL A 44 -7.40 4.30 -1.34
N SER A 45 -8.23 5.30 -1.45
CA SER A 45 -8.25 6.36 -0.41
C SER A 45 -9.50 7.22 -0.61
N ASP A 46 -10.31 7.35 0.40
CA ASP A 46 -11.55 8.18 0.28
C ASP A 46 -11.19 9.66 0.24
N GLU A 47 -10.18 10.05 0.97
CA GLU A 47 -9.80 11.49 1.00
C GLU A 47 -9.29 11.91 -0.39
N VAL A 48 -8.47 11.11 -1.01
CA VAL A 48 -7.98 11.47 -2.36
C VAL A 48 -9.11 11.35 -3.37
N ALA A 49 -9.90 10.31 -3.28
CA ALA A 49 -11.02 10.12 -4.25
C ALA A 49 -11.93 11.34 -4.17
N ALA A 50 -11.96 12.02 -3.06
CA ALA A 50 -12.83 13.22 -2.95
C ALA A 50 -12.11 14.43 -3.54
N ASP A 51 -10.87 14.28 -3.93
CA ASP A 51 -10.13 15.43 -4.52
C ASP A 51 -10.05 15.26 -6.04
N THR A 52 -10.96 15.88 -6.75
CA THR A 52 -10.96 15.75 -8.24
C THR A 52 -9.70 16.38 -8.83
N VAL A 53 -9.19 17.42 -8.23
CA VAL A 53 -7.96 18.07 -8.79
C VAL A 53 -6.76 17.12 -8.67
N ARG A 54 -6.57 16.51 -7.52
CA ARG A 54 -5.41 15.58 -7.37
C ARG A 54 -5.59 14.39 -8.31
N LYS A 55 -6.79 13.88 -8.42
CA LYS A 55 -7.02 12.72 -9.33
C LYS A 55 -6.60 13.08 -10.74
N THR A 56 -6.95 14.25 -11.19
CA THR A 56 -6.56 14.64 -12.57
C THR A 56 -5.04 14.64 -12.70
N LEU A 57 -4.36 15.25 -11.77
CA LEU A 57 -2.87 15.31 -11.86
C LEU A 57 -2.27 13.90 -11.81
N LEU A 58 -2.74 13.06 -10.93
CA LEU A 58 -2.17 11.68 -10.87
C LEU A 58 -2.47 10.94 -12.17
N THR A 59 -3.66 11.09 -12.68
CA THR A 59 -4.01 10.37 -13.94
C THR A 59 -3.23 10.97 -15.12
N GLN A 60 -2.94 12.25 -15.09
CA GLN A 60 -2.19 12.85 -16.23
C GLN A 60 -0.69 12.57 -16.11
N VAL A 61 -0.21 12.16 -14.96
CA VAL A 61 1.24 11.88 -14.81
C VAL A 61 1.45 10.37 -14.69
N ALA A 62 0.47 9.60 -15.06
CA ALA A 62 0.60 8.12 -14.96
C ALA A 62 1.75 7.65 -15.88
N PRO A 63 2.74 6.95 -15.37
CA PRO A 63 3.87 6.48 -16.20
C PRO A 63 3.41 5.88 -17.54
N PRO A 64 4.18 6.04 -18.60
CA PRO A 64 3.81 5.51 -19.94
C PRO A 64 3.54 4.00 -19.91
N GLY A 65 2.47 3.57 -20.52
CA GLY A 65 2.16 2.11 -20.55
C GLY A 65 1.55 1.67 -19.22
N VAL A 66 1.53 2.54 -18.24
CA VAL A 66 0.96 2.17 -16.92
C VAL A 66 -0.31 2.98 -16.68
N THR A 67 -1.34 2.34 -16.21
CA THR A 67 -2.61 3.07 -15.93
C THR A 67 -2.78 3.26 -14.42
N ALA A 68 -3.14 4.44 -14.01
CA ALA A 68 -3.33 4.69 -12.55
C ALA A 68 -4.83 4.91 -12.30
N HIS A 69 -5.37 4.28 -11.30
CA HIS A 69 -6.82 4.42 -11.01
C HIS A 69 -7.03 4.93 -9.58
N VAL A 70 -8.15 5.56 -9.35
CA VAL A 70 -8.45 6.07 -7.98
C VAL A 70 -9.82 5.57 -7.56
N VAL A 71 -9.87 4.80 -6.50
CA VAL A 71 -11.17 4.26 -6.02
C VAL A 71 -11.23 4.32 -4.49
N ASP A 72 -12.39 4.15 -3.93
CA ASP A 72 -12.51 4.17 -2.43
C ASP A 72 -12.46 2.73 -1.91
N VAL A 73 -12.30 2.56 -0.62
CA VAL A 73 -12.21 1.18 -0.05
C VAL A 73 -13.44 0.36 -0.44
N ALA A 74 -14.61 0.93 -0.32
CA ALA A 74 -15.83 0.15 -0.69
C ALA A 74 -15.78 -0.22 -2.17
N LYS A 75 -15.37 0.67 -3.01
CA LYS A 75 -15.34 0.33 -4.46
C LYS A 75 -14.20 -0.63 -4.77
N MET A 76 -13.08 -0.52 -4.10
CA MET A 76 -11.95 -1.42 -4.40
C MET A 76 -12.36 -2.88 -4.13
N ILE A 77 -13.10 -3.12 -3.08
CA ILE A 77 -13.52 -4.53 -2.78
C ILE A 77 -14.37 -5.04 -3.95
N ARG A 78 -15.18 -4.19 -4.54
CA ARG A 78 -16.03 -4.63 -5.69
C ARG A 78 -15.17 -4.84 -6.94
N VAL A 79 -14.20 -4.00 -7.15
CA VAL A 79 -13.35 -4.18 -8.37
C VAL A 79 -12.64 -5.54 -8.25
N TYR A 80 -12.14 -5.86 -7.08
CA TYR A 80 -11.47 -7.16 -6.90
C TYR A 80 -12.48 -8.30 -7.04
N ASN A 81 -13.71 -8.07 -6.66
CA ASN A 81 -14.74 -9.13 -6.75
C ASN A 81 -15.15 -9.34 -8.21
N ASN A 82 -14.48 -8.71 -9.14
CA ASN A 82 -14.83 -8.89 -10.58
C ASN A 82 -13.73 -9.71 -11.28
N PRO A 83 -14.01 -10.91 -11.72
CA PRO A 83 -13.00 -11.77 -12.41
C PRO A 83 -12.49 -11.11 -13.70
N LYS A 84 -12.99 -9.95 -14.03
CA LYS A 84 -12.51 -9.26 -15.27
C LYS A 84 -11.02 -8.98 -15.15
N TYR A 85 -10.51 -8.90 -13.96
CA TYR A 85 -9.07 -8.61 -13.78
C TYR A 85 -8.35 -9.90 -13.37
N ALA A 86 -8.99 -11.02 -13.50
CA ALA A 86 -8.36 -12.29 -13.09
C ALA A 86 -6.98 -12.44 -13.74
N GLY A 87 -6.01 -12.85 -12.98
CA GLY A 87 -4.64 -13.03 -13.52
C GLY A 87 -3.97 -11.67 -13.66
N GLU A 88 -4.72 -10.65 -13.96
CA GLU A 88 -4.14 -9.29 -14.11
C GLU A 88 -3.30 -8.95 -12.88
N ARG A 89 -2.15 -8.37 -13.06
CA ARG A 89 -1.31 -8.02 -11.88
C ARG A 89 -1.53 -6.55 -11.53
N VAL A 90 -2.01 -6.30 -10.35
CA VAL A 90 -2.30 -4.90 -9.94
C VAL A 90 -1.57 -4.56 -8.64
N MET A 91 -1.10 -3.34 -8.54
CA MET A 91 -0.38 -2.91 -7.31
C MET A 91 -1.33 -2.06 -6.47
N LEU A 92 -1.37 -2.30 -5.19
CA LEU A 92 -2.30 -1.54 -4.33
C LEU A 92 -1.55 -0.44 -3.58
N LEU A 93 -2.04 0.76 -3.68
CA LEU A 93 -1.40 1.91 -2.98
C LEU A 93 -2.29 2.35 -1.82
N PHE A 94 -1.72 2.39 -0.66
CA PHE A 94 -2.52 2.79 0.55
C PHE A 94 -1.81 3.92 1.28
N THR A 95 -2.53 4.61 2.11
CA THR A 95 -1.94 5.73 2.87
C THR A 95 -1.81 5.32 4.33
N ASN A 96 -2.56 4.33 4.72
CA ASN A 96 -2.51 3.86 6.14
C ASN A 96 -2.85 2.36 6.20
N PRO A 97 -2.18 1.60 7.04
CA PRO A 97 -2.43 0.14 7.18
C PRO A 97 -3.85 -0.16 7.67
N THR A 98 -4.54 0.84 8.13
CA THR A 98 -5.95 0.64 8.57
C THR A 98 -6.78 0.22 7.36
N ASP A 99 -6.56 0.88 6.26
CA ASP A 99 -7.34 0.55 5.02
C ASP A 99 -6.95 -0.82 4.51
N VAL A 100 -5.78 -1.30 4.84
CA VAL A 100 -5.37 -2.66 4.38
C VAL A 100 -6.15 -3.71 5.16
N GLU A 101 -6.27 -3.53 6.45
CA GLU A 101 -7.03 -4.52 7.26
C GLU A 101 -8.48 -4.53 6.80
N ARG A 102 -9.00 -3.39 6.42
CA ARG A 102 -10.42 -3.37 5.93
C ARG A 102 -10.55 -4.22 4.67
N LEU A 103 -9.62 -4.15 3.77
CA LEU A 103 -9.76 -5.00 2.56
C LEU A 103 -9.66 -6.46 2.97
N VAL A 104 -8.78 -6.79 3.87
CA VAL A 104 -8.66 -8.20 4.31
C VAL A 104 -9.99 -8.65 4.93
N GLU A 105 -10.57 -7.84 5.77
CA GLU A 105 -11.86 -8.23 6.41
C GLU A 105 -12.90 -8.47 5.32
N GLY A 106 -12.81 -7.79 4.21
CA GLY A 106 -13.82 -7.99 3.13
C GLY A 106 -13.53 -9.30 2.39
N GLY A 107 -12.55 -10.03 2.83
CA GLY A 107 -12.23 -11.33 2.15
C GLY A 107 -11.13 -11.11 1.11
N VAL A 108 -10.43 -10.00 1.17
CA VAL A 108 -9.32 -9.78 0.20
C VAL A 108 -8.12 -10.59 0.69
N LYS A 109 -7.41 -11.23 -0.18
CA LYS A 109 -6.27 -12.07 0.24
C LYS A 109 -4.95 -11.30 0.14
N ILE A 110 -4.24 -11.17 1.23
CA ILE A 110 -2.92 -10.45 1.20
C ILE A 110 -1.87 -11.33 1.87
N THR A 111 -0.77 -11.63 1.21
CA THR A 111 0.26 -12.50 1.83
C THR A 111 1.32 -11.66 2.54
N SER A 112 1.57 -10.47 2.07
CA SER A 112 2.60 -9.62 2.71
C SER A 112 2.34 -8.15 2.41
N VAL A 113 2.73 -7.29 3.29
CA VAL A 113 2.50 -5.82 3.08
C VAL A 113 3.85 -5.10 3.14
N ASN A 114 4.09 -4.22 2.22
CA ASN A 114 5.38 -3.49 2.20
C ASN A 114 5.19 -2.03 2.60
N VAL A 115 5.96 -1.58 3.56
CA VAL A 115 5.84 -0.18 4.01
C VAL A 115 6.80 0.70 3.20
N GLY A 116 6.27 1.50 2.31
CA GLY A 116 7.14 2.36 1.47
C GLY A 116 7.55 3.62 2.24
N GLY A 117 6.59 4.31 2.79
CA GLY A 117 6.96 5.54 3.56
C GLY A 117 5.74 6.15 4.25
N MET A 118 5.96 6.84 5.32
CA MET A 118 4.84 7.47 6.06
C MET A 118 5.28 8.83 6.61
N ALA A 119 4.64 9.90 6.18
CA ALA A 119 5.03 11.25 6.66
C ALA A 119 5.05 11.27 8.19
N PHE A 120 6.11 11.73 8.77
CA PHE A 120 6.19 11.77 10.26
C PHE A 120 5.25 12.85 10.78
N ARG A 121 4.89 12.79 12.04
CA ARG A 121 4.00 13.83 12.60
C ARG A 121 4.13 13.82 14.13
N GLN A 122 3.75 14.90 14.77
CA GLN A 122 3.86 14.95 16.26
C GLN A 122 2.93 13.93 16.91
N GLY A 123 3.40 13.26 17.94
CA GLY A 123 2.55 12.26 18.63
C GLY A 123 2.87 10.87 18.08
N LYS A 124 3.58 10.82 16.98
CA LYS A 124 3.94 9.49 16.39
C LYS A 124 5.38 9.15 16.76
N THR A 125 5.75 7.90 16.64
CA THR A 125 7.15 7.50 16.96
C THR A 125 7.87 7.15 15.66
N GLN A 126 9.07 7.62 15.49
CA GLN A 126 9.80 7.32 14.23
C GLN A 126 10.38 5.91 14.28
N VAL A 127 9.95 5.06 13.41
CA VAL A 127 10.48 3.67 13.39
C VAL A 127 11.59 3.58 12.33
N ASN A 128 11.53 4.39 11.30
CA ASN A 128 12.57 4.35 10.23
C ASN A 128 12.92 5.77 9.79
N ASN A 129 13.79 5.89 8.81
CA ASN A 129 14.21 7.24 8.33
C ASN A 129 12.99 8.05 7.85
N ALA A 130 11.97 7.41 7.35
CA ALA A 130 10.78 8.17 6.88
C ALA A 130 9.51 7.38 7.16
N VAL A 131 9.55 6.51 8.14
CA VAL A 131 8.33 5.72 8.48
C VAL A 131 7.91 6.01 9.92
N SER A 132 6.72 6.52 10.08
CA SER A 132 6.21 6.85 11.44
C SER A 132 5.00 6.00 11.75
N VAL A 133 4.81 5.65 12.99
CA VAL A 133 3.64 4.80 13.34
C VAL A 133 2.96 5.32 14.62
N ASP A 134 1.66 5.33 14.61
CA ASP A 134 0.90 5.78 15.81
C ASP A 134 0.34 4.52 16.47
N GLU A 135 -0.23 4.64 17.64
CA GLU A 135 -0.75 3.42 18.31
C GLU A 135 -1.78 2.75 17.41
N LYS A 136 -2.38 3.49 16.51
CA LYS A 136 -3.38 2.88 15.59
C LYS A 136 -2.66 2.13 14.46
N ASP A 137 -1.63 2.72 13.92
CA ASP A 137 -0.89 2.04 12.82
C ASP A 137 -0.27 0.76 13.38
N ILE A 138 0.27 0.83 14.56
CA ILE A 138 0.90 -0.37 15.15
C ILE A 138 -0.17 -1.45 15.33
N GLU A 139 -1.31 -1.10 15.85
CA GLU A 139 -2.37 -2.13 16.06
C GLU A 139 -2.72 -2.82 14.73
N ALA A 140 -2.76 -2.10 13.64
CA ALA A 140 -3.10 -2.77 12.35
C ALA A 140 -1.98 -3.72 11.96
N PHE A 141 -0.76 -3.33 12.14
CA PHE A 141 0.38 -4.23 11.77
C PHE A 141 0.35 -5.50 12.63
N LYS A 142 0.05 -5.38 13.89
CA LYS A 142 0.04 -6.59 14.76
C LYS A 142 -1.05 -7.56 14.30
N LYS A 143 -2.19 -7.06 13.92
CA LYS A 143 -3.29 -7.97 13.48
C LYS A 143 -2.90 -8.68 12.17
N LEU A 144 -2.29 -7.99 11.26
CA LEU A 144 -1.89 -8.64 9.99
C LEU A 144 -0.87 -9.73 10.33
N ASN A 145 0.04 -9.43 11.21
CA ASN A 145 1.05 -10.47 11.59
C ASN A 145 0.34 -11.63 12.26
N ALA A 146 -0.63 -11.37 13.09
CA ALA A 146 -1.34 -12.48 13.77
C ALA A 146 -2.04 -13.36 12.72
N ARG A 147 -2.31 -12.82 11.56
CA ARG A 147 -2.98 -13.63 10.51
C ARG A 147 -1.92 -14.37 9.67
N GLY A 148 -0.67 -14.31 10.06
CA GLY A 148 0.38 -15.01 9.27
C GLY A 148 0.81 -14.13 8.09
N ILE A 149 0.43 -12.88 8.08
CA ILE A 149 0.82 -12.00 6.95
C ILE A 149 2.20 -11.40 7.24
N GLU A 150 3.06 -11.39 6.25
CA GLU A 150 4.43 -10.84 6.46
C GLU A 150 4.43 -9.31 6.34
N LEU A 151 5.19 -8.65 7.18
CA LEU A 151 5.26 -7.16 7.14
C LEU A 151 6.73 -6.74 6.95
N GLU A 152 7.05 -6.19 5.80
CA GLU A 152 8.47 -5.77 5.56
C GLU A 152 8.56 -4.25 5.41
N VAL A 153 9.59 -3.65 5.96
CA VAL A 153 9.74 -2.16 5.85
C VAL A 153 10.93 -1.85 4.94
N ARG A 154 10.72 -1.10 3.90
CA ARG A 154 11.85 -0.76 2.99
C ARG A 154 11.48 0.41 2.08
N LYS A 155 12.38 1.34 1.89
CA LYS A 155 12.08 2.49 1.00
C LYS A 155 12.27 2.08 -0.47
N VAL A 156 13.34 1.39 -0.78
CA VAL A 156 13.57 0.95 -2.20
C VAL A 156 13.91 -0.54 -2.20
N SER A 157 13.65 -1.22 -3.29
CA SER A 157 13.94 -2.68 -3.34
C SER A 157 15.45 -2.90 -3.24
N THR A 158 16.23 -1.87 -3.46
CA THR A 158 17.71 -2.04 -3.39
C THR A 158 18.17 -1.88 -1.94
N ASP A 159 17.31 -1.46 -1.07
CA ASP A 159 17.73 -1.28 0.35
C ASP A 159 17.42 -2.57 1.13
N PRO A 160 18.19 -2.86 2.16
CA PRO A 160 17.96 -4.08 2.98
C PRO A 160 16.53 -4.13 3.55
N LYS A 161 15.92 -5.28 3.58
CA LYS A 161 14.53 -5.34 4.10
C LYS A 161 14.56 -5.47 5.63
N LEU A 162 13.75 -4.72 6.31
CA LEU A 162 13.68 -4.81 7.80
C LEU A 162 12.31 -5.33 8.17
N LYS A 163 12.16 -5.98 9.29
CA LYS A 163 10.81 -6.50 9.66
C LYS A 163 10.05 -5.46 10.47
N MET A 164 8.84 -5.19 10.10
CA MET A 164 8.05 -4.16 10.82
C MET A 164 7.96 -4.52 12.30
N MET A 165 7.71 -5.77 12.60
CA MET A 165 7.61 -6.18 14.02
C MET A 165 8.93 -5.91 14.73
N ASP A 166 10.04 -6.19 14.08
CA ASP A 166 11.36 -5.96 14.72
C ASP A 166 11.53 -4.47 15.06
N LEU A 167 11.15 -3.60 14.16
CA LEU A 167 11.28 -2.15 14.44
C LEU A 167 10.35 -1.76 15.58
N ILE A 168 9.16 -2.27 15.57
CA ILE A 168 8.20 -1.93 16.65
C ILE A 168 8.56 -2.70 17.94
N SER A 169 9.24 -3.82 17.83
CA SER A 169 9.62 -4.57 19.05
C SER A 169 10.72 -3.82 19.80
N LYS A 170 11.55 -3.10 19.09
CA LYS A 170 12.65 -2.36 19.78
C LYS A 170 12.12 -1.02 20.29
N ILE A 171 10.91 -0.70 19.93
CA ILE A 171 10.27 0.55 20.45
C ILE A 171 9.21 0.10 21.43
N ASP A 172 8.21 -0.55 20.92
CA ASP A 172 7.14 -1.08 21.80
C ASP A 172 7.66 -2.40 22.37
N LYS A 173 7.39 -2.64 23.60
CA LYS A 173 7.88 -3.91 24.20
C LYS A 173 7.18 -4.10 25.55
#